data_7KX8
#
_entry.id   7KX8
#
_cell.length_a   65.920
_cell.length_b   62.430
_cell.length_c   72.080
_cell.angle_alpha   90.000
_cell.angle_beta   96.070
_cell.angle_gamma   90.000
#
_symmetry.space_group_name_H-M   'P 1 21 1'
#
loop_
_entity.id
_entity.type
_entity.pdbx_description
1 polymer 'Serine/threonine-protein kinase DCLK1'
2 non-polymer 5-ethyl-2-{[2-methoxy-4-(4-methylpiperazin-1-yl)phenyl]amino}-11-methyl-5,11-dihydro-6H-pyrimido[4,5-b][1,4]benzodiazepin-6-one
#
_entity_poly.entity_id   1
_entity_poly.type   'polypeptide(L)'
_entity_poly.pdbx_seq_one_letter_code
;GSGEEVSEEGFQIPATITERYKVGRTIGDGNFAVVKECVERSTAREYALKIIKKSKCRGKEHMIQNEVSILRRVKHPNIV
LLIEEMDVPTELYLVMELVKGGDLFDAITSTNKYTERDASGMLYNLASAIKYLHSLNIVHRDIKPENLLVYEHQDGSKSL
KLGDFGLATIVDGPLYTVCGTPTYVAPEIIAETGYGLKVDIWAAGVITYILLCGFPPFRGSGDDQEVLFDQILMGQVDFP
SPYWDNVSDSAKELITMMLLVDVDQRFSAVQVLEHPWVNDDGLPENEHQLSVAGKIKKHFNTGPKPNSTAAGVSVIA
;
_entity_poly.pdbx_strand_id   A,B
#
# COMPACT_ATOMS: atom_id res chain seq x y z
N ILE A 13 2.40 -16.56 5.63
CA ILE A 13 3.72 -16.46 6.22
C ILE A 13 4.55 -17.68 5.82
N PRO A 14 5.78 -17.46 5.38
CA PRO A 14 6.58 -18.57 4.85
C PRO A 14 7.25 -19.37 5.96
N ALA A 15 7.54 -20.63 5.63
CA ALA A 15 8.18 -21.54 6.57
C ALA A 15 9.60 -21.10 6.94
N THR A 16 10.25 -20.31 6.09
CA THR A 16 11.59 -19.82 6.42
C THR A 16 11.57 -18.92 7.65
N ILE A 17 10.51 -18.13 7.81
CA ILE A 17 10.42 -17.24 8.97
C ILE A 17 10.07 -18.03 10.22
N THR A 18 9.10 -18.94 10.13
CA THR A 18 8.61 -19.64 11.31
C THR A 18 9.58 -20.69 11.85
N GLU A 19 10.54 -21.14 11.03
CA GLU A 19 11.55 -22.07 11.54
C GLU A 19 12.37 -21.42 12.65
N ARG A 20 12.61 -20.11 12.56
CA ARG A 20 13.45 -19.40 13.51
C ARG A 20 12.70 -18.41 14.38
N TYR A 21 11.53 -17.93 13.95
CA TYR A 21 10.79 -16.91 14.68
C TYR A 21 9.36 -17.37 14.91
N LYS A 22 8.76 -16.85 15.98
CA LYS A 22 7.36 -17.11 16.32
C LYS A 22 6.60 -15.79 16.22
N VAL A 23 5.92 -15.59 15.08
CA VAL A 23 5.18 -14.37 14.86
C VAL A 23 4.00 -14.30 15.84
N GLY A 24 3.69 -13.10 16.31
CA GLY A 24 2.69 -12.91 17.35
C GLY A 24 1.65 -11.91 16.92
N ARG A 25 1.21 -11.09 17.88
CA ARG A 25 0.13 -10.15 17.62
C ARG A 25 0.62 -8.99 16.74
N THR A 26 -0.33 -8.26 16.18
CA THR A 26 -0.01 -7.11 15.34
C THR A 26 0.09 -5.84 16.19
N ILE A 27 1.22 -5.14 16.03
CA ILE A 27 1.46 -3.87 16.70
C ILE A 27 1.59 -2.71 15.73
N GLY A 28 1.48 -2.95 14.43
CA GLY A 28 1.58 -1.90 13.44
C GLY A 28 0.87 -2.23 12.15
N ASP A 29 -0.21 -1.51 11.85
CA ASP A 29 -1.07 -1.78 10.70
C ASP A 29 -1.22 -0.50 9.89
N GLY A 30 -0.17 -0.14 9.15
CA GLY A 30 -0.26 0.92 8.18
C GLY A 30 -0.84 0.41 6.88
N ASN A 31 -0.99 1.33 5.92
CA ASN A 31 -1.46 0.97 4.60
C ASN A 31 -0.36 0.38 3.71
N PHE A 32 0.90 0.53 4.11
CA PHE A 32 2.04 0.15 3.27
C PHE A 32 2.79 -1.06 3.80
N ALA A 33 2.51 -1.50 5.03
CA ALA A 33 3.20 -2.63 5.62
C ALA A 33 2.38 -3.10 6.82
N VAL A 34 2.80 -4.24 7.37
CA VAL A 34 2.26 -4.76 8.61
C VAL A 34 3.42 -5.07 9.53
N VAL A 35 3.31 -4.65 10.79
CA VAL A 35 4.30 -4.93 11.81
C VAL A 35 3.68 -5.86 12.85
N LYS A 36 4.45 -6.85 13.28
CA LYS A 36 4.01 -7.76 14.33
C LYS A 36 5.17 -8.02 15.27
N GLU A 37 4.85 -8.24 16.54
CA GLU A 37 5.85 -8.70 17.49
C GLU A 37 6.13 -10.17 17.24
N CYS A 38 7.36 -10.58 17.54
CA CYS A 38 7.76 -11.96 17.34
C CYS A 38 8.89 -12.30 18.31
N VAL A 39 9.16 -13.59 18.44
CA VAL A 39 10.17 -14.10 19.36
C VAL A 39 11.10 -15.01 18.57
N GLU A 40 12.40 -14.81 18.74
CA GLU A 40 13.36 -15.75 18.18
C GLU A 40 13.33 -17.04 18.99
N ARG A 41 13.00 -18.14 18.32
CA ARG A 41 12.84 -19.41 19.02
C ARG A 41 14.13 -19.85 19.67
N SER A 42 15.27 -19.62 19.00
CA SER A 42 16.55 -20.07 19.51
C SER A 42 16.91 -19.40 20.84
N THR A 43 16.70 -18.09 20.94
CA THR A 43 17.15 -17.33 22.11
C THR A 43 16.01 -16.76 22.95
N ALA A 44 14.76 -16.99 22.58
CA ALA A 44 13.59 -16.45 23.28
C ALA A 44 13.65 -14.93 23.42
N ARG A 45 14.21 -14.27 22.41
CA ARG A 45 14.37 -12.82 22.39
C ARG A 45 13.28 -12.21 21.52
N GLU A 46 12.71 -11.10 21.99
CA GLU A 46 11.66 -10.41 21.23
C GLU A 46 12.25 -9.56 20.12
N TYR A 47 11.53 -9.52 18.99
CA TYR A 47 11.86 -8.67 17.86
C TYR A 47 10.56 -8.20 17.21
N ALA A 48 10.69 -7.35 16.20
CA ALA A 48 9.54 -6.89 15.42
C ALA A 48 9.69 -7.39 13.99
N LEU A 49 8.57 -7.80 13.40
CA LEU A 49 8.54 -8.34 12.05
C LEU A 49 7.75 -7.40 11.14
N LYS A 50 8.43 -6.76 10.20
CA LYS A 50 7.80 -5.87 9.23
C LYS A 50 7.54 -6.66 7.95
N ILE A 51 6.27 -6.75 7.56
CA ILE A 51 5.86 -7.50 6.39
C ILE A 51 5.42 -6.49 5.33
N ILE A 52 6.18 -6.42 4.24
CA ILE A 52 5.95 -5.46 3.17
C ILE A 52 5.38 -6.18 1.97
N LYS A 53 4.15 -5.86 1.62
CA LYS A 53 3.48 -6.48 0.47
C LYS A 53 4.05 -5.93 -0.83
N LYS A 54 4.45 -6.83 -1.73
CA LYS A 54 5.04 -6.44 -3.00
C LYS A 54 3.98 -6.33 -4.10
N SER A 55 4.37 -5.64 -5.18
CA SER A 55 3.48 -5.42 -6.31
C SER A 55 3.17 -6.75 -7.00
N LYS A 56 1.93 -6.87 -7.50
CA LYS A 56 1.54 -8.10 -8.18
C LYS A 56 2.33 -8.34 -9.46
N CYS A 57 2.99 -7.32 -10.00
CA CYS A 57 3.90 -7.51 -11.13
C CYS A 57 5.30 -7.83 -10.61
N ARG A 58 5.94 -8.82 -11.21
CA ARG A 58 7.31 -9.18 -10.87
C ARG A 58 8.28 -8.68 -11.93
N GLU A 61 9.09 -1.88 -7.28
CA GLU A 61 10.07 -2.77 -6.67
C GLU A 61 11.26 -2.01 -6.08
N HIS A 62 11.38 -0.72 -6.41
CA HIS A 62 12.53 0.04 -5.95
C HIS A 62 12.21 0.99 -4.81
N MET A 63 10.93 1.11 -4.44
CA MET A 63 10.60 1.84 -3.21
C MET A 63 10.79 0.94 -2.00
N ILE A 64 10.79 -0.36 -2.22
CA ILE A 64 11.09 -1.35 -1.19
C ILE A 64 12.59 -1.59 -1.09
N GLN A 65 13.24 -1.86 -2.22
CA GLN A 65 14.67 -2.15 -2.22
C GLN A 65 15.46 -0.98 -1.66
N ASN A 66 15.06 0.25 -2.02
CA ASN A 66 15.78 1.43 -1.54
C ASN A 66 15.72 1.51 -0.02
N GLU A 67 14.52 1.32 0.55
CA GLU A 67 14.38 1.37 2.00
C GLU A 67 15.23 0.30 2.68
N VAL A 68 15.45 -0.84 2.01
CA VAL A 68 16.30 -1.87 2.57
C VAL A 68 17.77 -1.48 2.45
N SER A 69 18.16 -0.91 1.31
CA SER A 69 19.53 -0.44 1.14
C SER A 69 19.89 0.59 2.19
N ILE A 70 18.93 1.46 2.54
CA ILE A 70 19.15 2.42 3.63
C ILE A 70 19.32 1.70 4.95
N LEU A 71 18.45 0.73 5.23
CA LEU A 71 18.44 0.09 6.54
C LEU A 71 19.72 -0.69 6.81
N ARG A 72 20.34 -1.25 5.75
CA ARG A 72 21.61 -1.96 5.89
C ARG A 72 22.79 -1.04 6.18
N ARG A 73 22.62 0.28 6.08
CA ARG A 73 23.72 1.21 6.35
C ARG A 73 23.59 1.91 7.69
N VAL A 74 22.45 1.82 8.37
CA VAL A 74 22.21 2.62 9.55
C VAL A 74 22.41 1.76 10.80
N LYS A 75 23.26 2.25 11.70
CA LYS A 75 23.54 1.60 12.97
C LYS A 75 23.78 2.72 13.97
N HIS A 76 22.74 3.04 14.75
CA HIS A 76 22.82 4.12 15.72
C HIS A 76 21.91 3.78 16.89
N PRO A 77 22.30 4.18 18.10
CA PRO A 77 21.46 3.87 19.28
C PRO A 77 20.09 4.55 19.24
N ASN A 78 19.87 5.52 18.37
CA ASN A 78 18.61 6.25 18.32
C ASN A 78 17.83 5.96 17.04
N ILE A 79 18.15 4.88 16.34
CA ILE A 79 17.42 4.46 15.14
C ILE A 79 17.06 2.99 15.30
N VAL A 80 15.81 2.65 14.96
CA VAL A 80 15.38 1.26 15.00
C VAL A 80 16.25 0.44 14.07
N LEU A 81 16.76 -0.67 14.60
CA LEU A 81 17.83 -1.44 13.96
C LEU A 81 17.26 -2.60 13.16
N LEU A 82 17.84 -2.84 11.99
CA LEU A 82 17.48 -3.99 11.18
C LEU A 82 18.28 -5.21 11.64
N ILE A 83 17.58 -6.26 12.08
CA ILE A 83 18.25 -7.46 12.54
C ILE A 83 18.59 -8.38 11.37
N GLU A 84 17.58 -8.74 10.58
CA GLU A 84 17.82 -9.54 9.39
C GLU A 84 16.62 -9.41 8.45
N GLU A 85 16.86 -9.78 7.19
CA GLU A 85 15.90 -9.63 6.11
C GLU A 85 15.73 -10.95 5.36
N MET A 86 14.48 -11.26 5.00
CA MET A 86 14.17 -12.42 4.17
C MET A 86 13.29 -11.95 3.01
N ASP A 87 13.70 -12.28 1.79
CA ASP A 87 12.99 -11.83 0.60
C ASP A 87 12.19 -12.99 0.02
N VAL A 88 10.94 -12.69 -0.34
CA VAL A 88 10.00 -13.70 -0.83
C VAL A 88 9.23 -13.13 -2.01
N PRO A 89 8.77 -14.01 -2.92
CA PRO A 89 8.09 -13.50 -4.14
C PRO A 89 6.96 -12.52 -3.91
N THR A 90 6.03 -12.80 -3.00
CA THR A 90 4.88 -11.91 -2.83
C THR A 90 5.12 -10.78 -1.85
N GLU A 91 6.05 -10.93 -0.91
CA GLU A 91 6.31 -9.90 0.10
C GLU A 91 7.75 -10.02 0.58
N LEU A 92 8.22 -8.96 1.24
CA LEU A 92 9.57 -8.91 1.81
C LEU A 92 9.45 -8.81 3.33
N TYR A 93 10.15 -9.70 4.03
CA TYR A 93 10.07 -9.77 5.48
C TYR A 93 11.33 -9.16 6.09
N LEU A 94 11.14 -8.21 7.00
CA LEU A 94 12.23 -7.57 7.70
C LEU A 94 12.06 -7.84 9.19
N VAL A 95 13.08 -8.45 9.80
CA VAL A 95 13.12 -8.65 11.23
C VAL A 95 13.94 -7.51 11.83
N MET A 96 13.28 -6.67 12.62
CA MET A 96 13.88 -5.45 13.14
C MET A 96 13.82 -5.47 14.65
N GLU A 97 14.51 -4.49 15.25
CA GLU A 97 14.51 -4.37 16.69
C GLU A 97 13.14 -3.90 17.18
N LEU A 98 12.75 -4.41 18.35
CA LEU A 98 11.42 -4.15 18.90
C LEU A 98 11.53 -3.08 19.99
N VAL A 99 10.79 -2.00 19.82
CA VAL A 99 10.67 -0.96 20.83
C VAL A 99 9.28 -1.10 21.46
N LYS A 100 9.24 -1.43 22.74
CA LYS A 100 8.00 -1.83 23.40
C LYS A 100 7.24 -0.68 24.05
N GLY A 101 7.77 0.55 23.97
CA GLY A 101 7.12 1.68 24.62
C GLY A 101 6.02 2.34 23.82
N GLY A 102 5.96 2.12 22.50
CA GLY A 102 5.04 2.88 21.68
C GLY A 102 5.66 4.15 21.13
N ASP A 103 4.84 4.88 20.39
CA ASP A 103 5.28 6.07 19.66
C ASP A 103 5.33 7.29 20.59
N LEU A 104 5.54 8.47 20.00
CA LEU A 104 5.77 9.67 20.78
C LEU A 104 4.53 10.09 21.57
N PHE A 105 3.35 9.89 21.01
CA PHE A 105 2.12 10.20 21.74
C PHE A 105 2.04 9.39 23.02
N ASP A 106 2.12 8.08 22.91
CA ASP A 106 2.17 7.18 24.07
C ASP A 106 3.42 7.43 24.93
N TYR A 114 6.11 15.18 33.18
CA TYR A 114 6.58 15.75 31.92
C TYR A 114 7.10 17.16 32.15
N THR A 115 8.16 17.55 31.44
CA THR A 115 8.87 18.80 31.70
C THR A 115 9.70 19.19 30.50
N GLU A 116 10.21 20.42 30.52
CA GLU A 116 11.18 20.83 29.52
C GLU A 116 12.43 19.98 29.59
N ARG A 117 12.75 19.44 30.77
CA ARG A 117 13.87 18.53 30.89
C ARG A 117 13.62 17.25 30.11
N ASP A 118 12.39 16.74 30.17
CA ASP A 118 12.07 15.52 29.46
C ASP A 118 12.08 15.75 27.95
N ALA A 119 11.44 16.84 27.51
CA ALA A 119 11.38 17.14 26.08
C ALA A 119 12.76 17.40 25.50
N SER A 120 13.65 18.04 26.27
CA SER A 120 14.98 18.34 25.75
C SER A 120 15.80 17.08 25.51
N GLY A 121 15.64 16.06 26.34
CA GLY A 121 16.30 14.79 26.07
C GLY A 121 15.75 14.13 24.83
N MET A 122 14.46 14.32 24.56
CA MET A 122 13.85 13.72 23.37
C MET A 122 14.40 14.34 22.10
N LEU A 123 14.52 15.66 22.06
CA LEU A 123 15.15 16.30 20.90
C LEU A 123 16.61 15.90 20.77
N TYR A 124 17.29 15.69 21.90
CA TYR A 124 18.68 15.23 21.84
C TYR A 124 18.78 13.88 21.15
N ASN A 125 17.90 12.93 21.53
CA ASN A 125 17.87 11.65 20.84
C ASN A 125 17.52 11.82 19.38
N LEU A 126 16.49 12.64 19.10
CA LEU A 126 16.07 12.85 17.72
C LEU A 126 17.17 13.51 16.91
N ALA A 127 17.85 14.51 17.48
CA ALA A 127 18.89 15.19 16.74
C ALA A 127 20.16 14.36 16.60
N SER A 128 20.39 13.41 17.52
CA SER A 128 21.53 12.50 17.34
C SER A 128 21.30 11.58 16.15
N ALA A 129 20.07 11.09 15.98
CA ALA A 129 19.74 10.31 14.80
C ALA A 129 19.86 11.15 13.54
N ILE A 130 19.25 12.34 13.54
CA ILE A 130 19.28 13.20 12.36
C ILE A 130 20.72 13.55 12.00
N LYS A 131 21.54 13.85 13.00
CA LYS A 131 22.94 14.16 12.74
C LYS A 131 23.68 12.96 12.14
N TYR A 132 23.41 11.75 12.66
CA TYR A 132 24.06 10.56 12.14
C TYR A 132 23.67 10.31 10.69
N LEU A 133 22.37 10.36 10.40
CA LEU A 133 21.90 10.17 9.03
C LEU A 133 22.53 11.19 8.09
N HIS A 134 22.58 12.47 8.50
CA HIS A 134 23.08 13.52 7.62
C HIS A 134 24.56 13.34 7.28
N SER A 135 25.32 12.67 8.15
CA SER A 135 26.70 12.39 7.81
C SER A 135 26.81 11.43 6.63
N LEU A 136 25.79 10.61 6.40
CA LEU A 136 25.74 9.71 5.25
C LEU A 136 24.92 10.27 4.11
N ASN A 137 24.58 11.57 4.15
CA ASN A 137 23.79 12.24 3.11
C ASN A 137 22.41 11.61 2.95
N ILE A 138 21.86 11.09 4.03
CA ILE A 138 20.55 10.48 4.04
C ILE A 138 19.56 11.49 4.60
N VAL A 139 18.41 11.63 3.94
CA VAL A 139 17.33 12.48 4.43
C VAL A 139 16.12 11.60 4.67
N HIS A 140 15.55 11.70 5.87
CA HIS A 140 14.46 10.81 6.28
C HIS A 140 13.18 11.13 5.53
N ARG A 141 12.82 12.40 5.42
CA ARG A 141 11.66 12.90 4.67
C ARG A 141 10.32 12.46 5.23
N ASP A 142 10.30 11.73 6.34
CA ASP A 142 9.05 11.43 7.05
C ASP A 142 9.34 11.32 8.53
N ILE A 143 9.82 12.40 9.14
CA ILE A 143 10.04 12.47 10.58
C ILE A 143 8.80 13.11 11.20
N LYS A 144 8.15 12.36 12.07
CA LYS A 144 6.91 12.79 12.72
C LYS A 144 6.73 11.95 13.97
N PRO A 145 5.84 12.36 14.89
CA PRO A 145 5.71 11.63 16.15
C PRO A 145 5.36 10.16 15.96
N GLU A 146 4.56 9.84 14.94
CA GLU A 146 4.19 8.46 14.67
C GLU A 146 5.40 7.59 14.33
N ASN A 147 6.49 8.18 13.84
CA ASN A 147 7.68 7.43 13.45
C ASN A 147 8.78 7.49 14.50
N LEU A 148 8.47 7.99 15.70
CA LEU A 148 9.45 8.04 16.78
C LEU A 148 8.96 7.13 17.91
N LEU A 149 9.78 6.15 18.26
CA LEU A 149 9.41 5.14 19.25
C LEU A 149 10.20 5.36 20.53
N VAL A 150 9.59 4.99 21.66
CA VAL A 150 10.10 5.31 22.99
C VAL A 150 10.53 4.03 23.70
N TYR A 151 11.78 3.95 24.10
CA TYR A 151 12.27 2.91 25.00
C TYR A 151 12.23 3.43 26.42
N GLU A 152 11.85 2.56 27.37
CA GLU A 152 11.83 2.97 28.77
C GLU A 152 13.02 2.39 29.54
N LYS A 158 13.55 8.28 29.48
CA LYS A 158 13.10 7.74 28.22
C LYS A 158 14.04 8.12 27.07
N SER A 159 14.08 7.29 26.03
CA SER A 159 14.90 7.53 24.85
C SER A 159 14.09 7.28 23.59
N LEU A 160 14.33 8.08 22.56
CA LEU A 160 13.61 7.98 21.30
C LEU A 160 14.39 7.15 20.30
N LYS A 161 13.67 6.48 19.40
CA LYS A 161 14.30 5.75 18.32
C LYS A 161 13.53 6.02 17.02
N LEU A 162 14.26 6.45 15.99
CA LEU A 162 13.66 6.84 14.73
C LEU A 162 13.41 5.62 13.86
N GLY A 163 12.28 5.62 13.14
CA GLY A 163 11.92 4.51 12.29
C GLY A 163 11.27 4.86 10.97
N ASP A 164 10.81 3.84 10.24
CA ASP A 164 10.14 4.00 8.94
C ASP A 164 10.98 4.76 7.93
N PHE A 165 11.90 4.06 7.27
CA PHE A 165 12.76 4.69 6.26
C PHE A 165 12.21 4.50 4.85
N GLY A 166 10.89 4.36 4.71
CA GLY A 166 10.29 4.17 3.41
C GLY A 166 10.48 5.34 2.48
N LEU A 167 10.48 6.56 3.03
CA LEU A 167 10.65 7.77 2.24
C LEU A 167 12.07 8.30 2.25
N ALA A 168 12.96 7.65 3.01
CA ALA A 168 14.34 8.12 3.08
C ALA A 168 15.03 7.99 1.72
N THR A 169 16.01 8.86 1.49
CA THR A 169 16.79 8.82 0.27
C THR A 169 18.10 9.55 0.49
N ILE A 170 19.04 9.28 -0.39
CA ILE A 170 20.36 9.88 -0.33
C ILE A 170 20.34 11.16 -1.17
N VAL A 171 20.94 12.21 -0.66
CA VAL A 171 20.91 13.51 -1.33
C VAL A 171 22.17 13.63 -2.18
N ASP A 172 22.01 13.48 -3.50
CA ASP A 172 23.05 13.78 -4.47
C ASP A 172 22.79 15.06 -5.23
N GLY A 173 21.62 15.67 -5.03
CA GLY A 173 21.29 16.94 -5.61
C GLY A 173 20.00 17.42 -4.98
N PRO A 174 19.52 18.58 -5.42
CA PRO A 174 18.25 19.10 -4.89
C PRO A 174 17.11 18.13 -5.19
N LEU A 175 16.24 17.95 -4.22
CA LEU A 175 15.08 17.07 -4.37
C LEU A 175 13.83 17.92 -4.59
N TYR A 176 12.96 17.47 -5.48
CA TYR A 176 11.76 18.23 -5.82
C TYR A 176 10.47 17.49 -5.54
N THR A 177 10.53 16.27 -5.02
CA THR A 177 9.32 15.50 -4.73
C THR A 177 8.71 15.96 -3.41
N VAL A 178 7.42 16.25 -3.44
CA VAL A 178 6.70 16.67 -2.24
C VAL A 178 6.25 15.41 -1.51
N CYS A 179 6.74 15.22 -0.28
CA CYS A 179 6.44 14.02 0.48
C CYS A 179 6.45 14.34 1.97
N GLY A 180 5.75 13.52 2.73
CA GLY A 180 5.61 13.69 4.15
C GLY A 180 4.24 14.23 4.54
N THR A 181 3.92 14.11 5.82
CA THR A 181 2.65 14.62 6.33
C THR A 181 2.72 16.15 6.36
N PRO A 182 1.68 16.85 5.88
CA PRO A 182 1.81 18.31 5.70
C PRO A 182 2.11 19.09 6.95
N THR A 183 1.78 18.59 8.15
CA THR A 183 2.09 19.34 9.36
C THR A 183 3.58 19.56 9.52
N TYR A 184 4.39 18.56 9.18
CA TYR A 184 5.83 18.59 9.42
C TYR A 184 6.63 18.89 8.16
N VAL A 185 5.98 19.19 7.06
CA VAL A 185 6.67 19.39 5.79
C VAL A 185 7.24 20.81 5.76
N ALA A 186 8.49 20.94 5.30
CA ALA A 186 9.17 22.22 5.32
C ALA A 186 8.62 23.13 4.22
N PRO A 187 8.83 24.44 4.34
CA PRO A 187 8.27 25.36 3.33
C PRO A 187 8.91 25.18 1.97
N GLU A 188 10.18 24.84 1.90
CA GLU A 188 10.81 24.71 0.60
C GLU A 188 10.34 23.47 -0.13
N ILE A 189 9.74 22.51 0.58
CA ILE A 189 9.08 21.40 -0.10
C ILE A 189 7.81 21.88 -0.80
N ILE A 190 7.01 22.71 -0.11
CA ILE A 190 5.79 23.24 -0.69
C ILE A 190 6.11 24.04 -1.95
N ALA A 191 7.21 24.79 -1.92
CA ALA A 191 7.56 25.65 -3.03
C ALA A 191 8.00 24.86 -4.27
N GLU A 192 8.45 23.62 -4.09
CA GLU A 192 8.92 22.77 -5.19
C GLU A 192 10.12 23.40 -5.89
N THR A 193 10.91 24.17 -5.15
CA THR A 193 12.11 24.80 -5.69
C THR A 193 13.37 23.96 -5.47
N GLY A 194 13.28 22.91 -4.66
CA GLY A 194 14.44 22.08 -4.33
C GLY A 194 14.67 22.11 -2.83
N TYR A 195 14.93 20.94 -2.27
CA TYR A 195 15.19 20.82 -0.84
C TYR A 195 16.26 19.76 -0.62
N GLY A 196 16.70 19.65 0.61
CA GLY A 196 17.80 18.77 0.95
C GLY A 196 17.76 18.33 2.39
N LEU A 197 18.94 18.17 2.99
CA LEU A 197 19.06 17.53 4.30
C LEU A 197 18.31 18.30 5.38
N LYS A 198 18.09 19.59 5.20
CA LYS A 198 17.56 20.43 6.27
C LYS A 198 16.04 20.42 6.33
N VAL A 199 15.37 19.53 5.61
CA VAL A 199 13.93 19.40 5.83
C VAL A 199 13.64 18.54 7.05
N ASP A 200 14.63 17.77 7.51
CA ASP A 200 14.44 16.98 8.72
C ASP A 200 14.59 17.82 9.96
N ILE A 201 15.43 18.86 9.92
CA ILE A 201 15.51 19.77 11.06
C ILE A 201 14.20 20.51 11.24
N TRP A 202 13.56 20.89 10.13
CA TRP A 202 12.28 21.59 10.22
C TRP A 202 11.24 20.71 10.91
N ALA A 203 11.14 19.45 10.47
CA ALA A 203 10.17 18.55 11.10
C ALA A 203 10.47 18.38 12.59
N ALA A 204 11.75 18.30 12.94
CA ALA A 204 12.11 18.19 14.36
C ALA A 204 11.72 19.44 15.13
N GLY A 205 11.85 20.60 14.49
CA GLY A 205 11.41 21.83 15.13
C GLY A 205 9.92 21.82 15.42
N VAL A 206 9.12 21.42 14.44
CA VAL A 206 7.69 21.29 14.65
C VAL A 206 7.40 20.34 15.80
N ILE A 207 8.13 19.23 15.85
CA ILE A 207 7.90 18.25 16.92
C ILE A 207 8.27 18.84 18.27
N THR A 208 9.42 19.49 18.35
CA THR A 208 9.82 20.12 19.61
C THR A 208 8.81 21.17 20.03
N TYR A 209 8.32 21.95 19.07
CA TYR A 209 7.28 22.94 19.36
C TYR A 209 6.06 22.25 19.95
N ILE A 210 5.66 21.11 19.37
CA ILE A 210 4.51 20.36 19.87
C ILE A 210 4.77 19.86 21.28
N LEU A 211 5.98 19.35 21.52
CA LEU A 211 6.30 18.79 22.84
C LEU A 211 6.10 19.81 23.95
N LEU A 212 6.38 21.09 23.68
CA LEU A 212 6.30 22.10 24.72
C LEU A 212 4.87 22.60 24.98
N CYS A 213 4.01 22.64 23.96
CA CYS A 213 2.66 23.16 24.14
C CYS A 213 1.54 22.21 23.72
N GLY A 214 1.83 21.19 22.92
CA GLY A 214 0.81 20.23 22.55
C GLY A 214 0.06 20.50 21.26
N PHE A 215 0.41 21.54 20.52
CA PHE A 215 -0.23 21.83 19.25
C PHE A 215 0.82 22.28 18.24
N PRO A 216 0.52 22.17 16.94
CA PRO A 216 1.54 22.44 15.92
C PRO A 216 1.71 23.92 15.69
N PRO A 217 2.89 24.35 15.21
CA PRO A 217 3.09 25.79 14.95
C PRO A 217 2.18 26.33 13.86
N PHE A 218 1.88 25.51 12.85
CA PHE A 218 1.01 25.93 11.76
C PHE A 218 -0.17 24.97 11.70
N ARG A 219 -1.37 25.49 11.95
CA ARG A 219 -2.55 24.66 12.11
C ARG A 219 -3.52 24.71 10.94
N GLY A 220 -3.51 25.79 10.15
CA GLY A 220 -4.40 25.86 9.02
C GLY A 220 -5.87 26.05 9.43
N SER A 221 -6.76 25.54 8.57
CA SER A 221 -8.19 25.72 8.79
C SER A 221 -9.01 24.67 8.05
N GLN A 225 -6.90 22.87 3.24
CA GLN A 225 -5.78 22.09 2.72
C GLN A 225 -4.69 23.01 2.15
N GLU A 226 -5.13 24.03 1.40
CA GLU A 226 -4.21 25.03 0.88
C GLU A 226 -3.88 26.09 1.92
N VAL A 227 -4.81 26.36 2.85
CA VAL A 227 -4.56 27.35 3.90
C VAL A 227 -3.35 26.95 4.75
N LEU A 228 -3.22 25.66 5.05
CA LEU A 228 -2.06 25.20 5.80
C LEU A 228 -0.78 25.39 5.00
N PHE A 229 -0.83 25.12 3.70
CA PHE A 229 0.35 25.25 2.88
C PHE A 229 0.79 26.70 2.78
N ASP A 230 -0.17 27.62 2.62
CA ASP A 230 0.18 29.03 2.53
C ASP A 230 0.69 29.56 3.87
N GLN A 231 0.16 29.04 4.96
CA GLN A 231 0.64 29.41 6.30
C GLN A 231 2.09 28.97 6.49
N ILE A 232 2.40 27.72 6.16
CA ILE A 232 3.76 27.21 6.34
C ILE A 232 4.75 28.01 5.51
N LEU A 233 4.37 28.34 4.27
CA LEU A 233 5.29 29.03 3.36
C LEU A 233 5.73 30.38 3.90
N MET A 234 4.89 31.03 4.70
CA MET A 234 5.32 32.27 5.35
C MET A 234 6.29 32.00 6.48
N GLY A 235 6.11 30.89 7.18
CA GLY A 235 7.01 30.53 8.26
C GLY A 235 6.96 31.45 9.46
N GLN A 236 5.76 31.87 9.86
CA GLN A 236 5.59 32.72 11.04
C GLN A 236 5.40 31.83 12.25
N VAL A 237 6.50 31.57 12.97
CA VAL A 237 6.47 30.78 14.19
C VAL A 237 6.17 31.71 15.35
N ASP A 238 5.07 31.45 16.04
CA ASP A 238 4.61 32.27 17.15
C ASP A 238 4.46 31.40 18.39
N PHE A 239 4.68 32.03 19.55
CA PHE A 239 4.55 31.37 20.85
C PHE A 239 3.46 32.08 21.64
N PRO A 240 2.21 31.64 21.49
CA PRO A 240 1.08 32.39 22.07
C PRO A 240 0.96 32.15 23.57
N SER A 241 0.10 32.98 24.20
CA SER A 241 -0.26 32.95 25.59
C SER A 241 -1.62 32.29 25.77
N PRO A 242 -1.84 31.59 26.89
CA PRO A 242 -0.95 31.46 28.05
C PRO A 242 0.04 30.30 27.95
N TYR A 243 -0.05 29.53 26.86
CA TYR A 243 0.66 28.25 26.80
C TYR A 243 2.17 28.43 26.85
N TRP A 244 2.70 29.42 26.13
CA TRP A 244 4.14 29.58 25.99
C TRP A 244 4.72 30.60 26.96
N ASP A 245 3.97 31.00 28.00
CA ASP A 245 4.48 32.02 28.91
C ASP A 245 5.54 31.46 29.85
N ASN A 246 5.36 30.24 30.34
CA ASN A 246 6.25 29.65 31.33
C ASN A 246 7.26 28.70 30.70
N VAL A 247 7.48 28.80 29.39
CA VAL A 247 8.48 28.02 28.69
C VAL A 247 9.69 28.92 28.45
N SER A 248 10.89 28.35 28.55
CA SER A 248 12.11 29.15 28.53
C SER A 248 12.29 29.84 27.18
N ASP A 249 12.94 31.00 27.22
CA ASP A 249 13.33 31.69 26.00
C ASP A 249 14.37 30.90 25.21
N SER A 250 15.13 30.03 25.87
CA SER A 250 16.10 29.19 25.18
C SER A 250 15.40 28.23 24.23
N ALA A 251 14.34 27.58 24.69
CA ALA A 251 13.57 26.72 23.81
C ALA A 251 12.96 27.51 22.66
N LYS A 252 12.43 28.70 22.95
CA LYS A 252 11.89 29.54 21.90
C LYS A 252 12.97 29.90 20.88
N GLU A 253 14.15 30.25 21.36
CA GLU A 253 15.26 30.58 20.48
C GLU A 253 15.65 29.39 19.62
N LEU A 254 15.75 28.21 20.23
CA LEU A 254 16.08 27.00 19.48
C LEU A 254 15.01 26.71 18.44
N ILE A 255 13.74 26.70 18.85
CA ILE A 255 12.67 26.39 17.91
C ILE A 255 12.65 27.39 16.76
N THR A 256 12.90 28.67 17.06
CA THR A 256 12.87 29.68 15.99
C THR A 256 14.00 29.45 14.98
N MET A 257 15.16 29.00 15.46
CA MET A 257 16.29 28.69 14.58
C MET A 257 16.09 27.38 13.84
N MET A 258 15.37 26.43 14.44
CA MET A 258 15.05 25.19 13.75
C MET A 258 14.01 25.43 12.66
N LEU A 259 13.06 26.34 12.89
CA LEU A 259 12.01 26.62 11.90
C LEU A 259 12.27 27.93 11.18
N LEU A 260 13.42 28.03 10.52
CA LEU A 260 13.74 29.20 9.72
C LEU A 260 13.48 28.89 8.25
N VAL A 261 12.85 29.84 7.56
CA VAL A 261 12.53 29.62 6.16
C VAL A 261 13.80 29.65 5.32
N ASP A 262 14.77 30.49 5.69
CA ASP A 262 16.07 30.51 5.02
C ASP A 262 16.82 29.23 5.37
N VAL A 263 17.02 28.37 4.36
CA VAL A 263 17.67 27.09 4.60
C VAL A 263 19.10 27.29 5.07
N ASP A 264 19.78 28.29 4.50
CA ASP A 264 21.17 28.54 4.88
C ASP A 264 21.26 28.97 6.33
N GLN A 265 20.33 29.82 6.78
CA GLN A 265 20.34 30.24 8.18
C GLN A 265 19.89 29.12 9.10
N ARG A 266 18.94 28.29 8.65
CA ARG A 266 18.33 27.28 9.50
C ARG A 266 19.40 26.37 10.09
N PHE A 267 19.14 25.91 11.31
CA PHE A 267 20.13 25.14 12.05
C PHE A 267 20.40 23.80 11.40
N SER A 268 21.62 23.33 11.55
CA SER A 268 21.96 21.96 11.20
C SER A 268 21.77 21.08 12.42
N ALA A 269 21.86 19.77 12.21
CA ALA A 269 21.77 18.86 13.33
C ALA A 269 22.90 19.09 14.33
N VAL A 270 24.07 19.46 13.82
CA VAL A 270 25.17 19.80 14.72
C VAL A 270 24.86 21.05 15.52
N GLN A 271 24.32 22.09 14.86
CA GLN A 271 24.03 23.32 15.58
C GLN A 271 22.95 23.11 16.64
N VAL A 272 22.02 22.19 16.40
CA VAL A 272 20.99 21.88 17.39
C VAL A 272 21.59 21.18 18.59
N LEU A 273 22.48 20.21 18.35
CA LEU A 273 23.05 19.44 19.44
C LEU A 273 23.98 20.27 20.32
N GLU A 274 24.62 21.30 19.75
CA GLU A 274 25.48 22.17 20.55
C GLU A 274 24.71 23.25 21.30
N HIS A 275 23.40 23.36 21.07
CA HIS A 275 22.62 24.38 21.73
C HIS A 275 22.44 24.05 23.22
N PRO A 276 22.44 25.06 24.10
CA PRO A 276 22.37 24.76 25.54
C PRO A 276 21.08 24.09 25.96
N TRP A 277 19.98 24.27 25.22
CA TRP A 277 18.72 23.72 25.70
C TRP A 277 18.67 22.20 25.57
N VAL A 278 19.47 21.62 24.69
CA VAL A 278 19.52 20.17 24.59
C VAL A 278 20.58 19.59 25.53
N ASN A 279 21.64 20.34 25.79
CA ASN A 279 22.67 19.91 26.76
C ASN A 279 22.14 20.02 28.18
N HIS A 288 10.04 22.27 35.55
CA HIS A 288 8.84 23.03 35.24
C HIS A 288 7.82 22.17 34.49
N GLN A 289 6.73 21.81 35.16
CA GLN A 289 5.74 20.92 34.58
C GLN A 289 5.07 21.56 33.36
N LEU A 290 4.66 20.71 32.42
CA LEU A 290 4.03 21.14 31.17
C LEU A 290 2.63 20.57 31.09
N SER A 291 1.65 21.45 30.86
CA SER A 291 0.25 21.03 30.73
C SER A 291 -0.06 20.71 29.26
N VAL A 292 0.61 19.67 28.77
CA VAL A 292 0.71 19.39 27.34
C VAL A 292 -0.20 18.25 26.92
N ALA A 293 -0.36 17.23 27.76
CA ALA A 293 -1.09 16.04 27.37
C ALA A 293 -2.54 16.36 27.02
N GLY A 294 -3.23 17.09 27.89
CA GLY A 294 -4.64 17.40 27.68
C GLY A 294 -4.89 18.40 26.57
N LYS A 295 -4.26 18.20 25.42
CA LYS A 295 -4.37 19.07 24.26
C LYS A 295 -3.76 18.37 23.06
N ILE A 296 -2.81 17.47 23.33
CA ILE A 296 -2.33 16.57 22.28
C ILE A 296 -3.44 15.62 21.86
N LYS A 297 -4.22 15.14 22.84
CA LYS A 297 -5.34 14.25 22.54
C LYS A 297 -6.46 14.95 21.79
N LYS A 298 -6.57 16.27 21.90
CA LYS A 298 -7.60 17.04 21.21
C LYS A 298 -7.19 17.41 19.79
N HIS A 299 -5.93 17.71 19.57
CA HIS A 299 -5.45 18.18 18.27
C HIS A 299 -5.10 17.05 17.32
N PHE A 300 -4.68 15.90 17.84
CA PHE A 300 -4.21 14.81 17.02
C PHE A 300 -5.06 13.55 17.19
N PHE B 11 -7.70 8.70 7.28
CA PHE B 11 -8.41 8.65 6.01
C PHE B 11 -9.73 9.40 6.10
N GLN B 12 -9.70 10.69 5.76
CA GLN B 12 -10.86 11.55 5.83
C GLN B 12 -11.42 11.72 4.41
N ILE B 13 -12.65 11.27 4.22
CA ILE B 13 -13.31 11.42 2.91
C ILE B 13 -13.65 12.89 2.69
N PRO B 14 -13.36 13.45 1.52
CA PRO B 14 -13.53 14.90 1.34
C PRO B 14 -14.98 15.28 1.12
N ALA B 15 -15.27 16.55 1.43
CA ALA B 15 -16.63 17.06 1.31
C ALA B 15 -17.12 17.04 -0.13
N THR B 16 -16.22 17.02 -1.12
CA THR B 16 -16.67 16.90 -2.51
C THR B 16 -17.35 15.57 -2.73
N ILE B 17 -16.84 14.50 -2.12
CA ILE B 17 -17.46 13.18 -2.21
C ILE B 17 -18.71 13.11 -1.33
N THR B 18 -18.60 13.58 -0.08
CA THR B 18 -19.70 13.42 0.86
C THR B 18 -20.86 14.34 0.57
N GLU B 19 -20.65 15.45 -0.15
CA GLU B 19 -21.76 16.29 -0.55
C GLU B 19 -22.73 15.53 -1.47
N ARG B 20 -22.21 14.58 -2.25
CA ARG B 20 -22.97 13.87 -3.26
C ARG B 20 -23.27 12.42 -2.91
N TYR B 21 -22.49 11.80 -2.03
CA TYR B 21 -22.63 10.39 -1.70
C TYR B 21 -22.75 10.21 -0.20
N LYS B 22 -23.42 9.13 0.20
CA LYS B 22 -23.57 8.74 1.60
C LYS B 22 -22.80 7.45 1.78
N VAL B 23 -21.56 7.56 2.26
CA VAL B 23 -20.71 6.40 2.44
C VAL B 23 -21.27 5.49 3.53
N GLY B 24 -21.12 4.18 3.35
CA GLY B 24 -21.71 3.20 4.24
C GLY B 24 -20.67 2.24 4.78
N ARG B 25 -21.06 0.98 4.90
CA ARG B 25 -20.19 -0.01 5.52
C ARG B 25 -19.04 -0.36 4.59
N THR B 26 -18.01 -0.97 5.17
CA THR B 26 -16.85 -1.43 4.41
C THR B 26 -17.11 -2.86 3.93
N ILE B 27 -16.93 -3.08 2.64
CA ILE B 27 -17.07 -4.41 2.04
C ILE B 27 -15.76 -4.93 1.50
N GLY B 28 -14.67 -4.18 1.63
CA GLY B 28 -13.36 -4.60 1.17
C GLY B 28 -12.23 -3.90 1.90
N PHE B 32 -4.65 -3.19 -1.35
CA PHE B 32 -4.16 -2.02 -2.08
C PHE B 32 -5.21 -0.92 -2.13
N ALA B 33 -6.42 -1.21 -1.65
CA ALA B 33 -7.51 -0.26 -1.72
C ALA B 33 -8.58 -0.65 -0.70
N VAL B 34 -9.57 0.22 -0.55
CA VAL B 34 -10.73 -0.04 0.30
C VAL B 34 -11.99 0.18 -0.52
N VAL B 35 -12.93 -0.75 -0.39
CA VAL B 35 -14.23 -0.65 -1.05
C VAL B 35 -15.28 -0.46 0.04
N LYS B 36 -16.24 0.44 -0.23
CA LYS B 36 -17.31 0.73 0.70
C LYS B 36 -18.61 0.88 -0.07
N GLU B 37 -19.70 0.57 0.61
CA GLU B 37 -21.03 0.88 0.09
C GLU B 37 -21.26 2.37 0.16
N CYS B 38 -22.02 2.89 -0.81
CA CYS B 38 -22.38 4.30 -0.79
C CYS B 38 -23.67 4.45 -1.59
N VAL B 39 -24.32 5.61 -1.41
CA VAL B 39 -25.58 5.91 -2.07
C VAL B 39 -25.46 7.28 -2.73
N GLU B 40 -25.81 7.37 -4.01
CA GLU B 40 -25.90 8.66 -4.67
C GLU B 40 -27.15 9.37 -4.17
N ARG B 41 -26.96 10.53 -3.52
CA ARG B 41 -28.09 11.23 -2.91
C ARG B 41 -29.11 11.67 -3.94
N SER B 42 -28.65 12.03 -5.14
CA SER B 42 -29.54 12.50 -6.19
C SER B 42 -30.57 11.43 -6.57
N THR B 43 -30.11 10.20 -6.74
CA THR B 43 -30.97 9.13 -7.24
C THR B 43 -31.24 8.01 -6.23
N ALA B 44 -30.65 8.08 -5.03
CA ALA B 44 -30.79 7.04 -4.02
C ALA B 44 -30.38 5.67 -4.58
N ARG B 45 -29.41 5.68 -5.48
CA ARG B 45 -28.95 4.46 -6.13
C ARG B 45 -27.70 3.97 -5.41
N GLU B 46 -27.63 2.66 -5.18
CA GLU B 46 -26.49 2.10 -4.48
C GLU B 46 -25.32 1.94 -5.44
N TYR B 47 -24.12 2.23 -4.95
CA TYR B 47 -22.87 2.09 -5.68
C TYR B 47 -21.79 1.65 -4.73
N ALA B 48 -20.60 1.42 -5.27
CA ALA B 48 -19.43 1.08 -4.50
C ALA B 48 -18.41 2.20 -4.63
N LEU B 49 -17.75 2.53 -3.52
CA LEU B 49 -16.76 3.60 -3.49
C LEU B 49 -15.41 2.94 -3.24
N LYS B 50 -14.54 2.96 -4.25
CA LYS B 50 -13.22 2.39 -4.15
C LYS B 50 -12.24 3.50 -3.80
N ILE B 51 -11.58 3.35 -2.66
CA ILE B 51 -10.64 4.33 -2.15
C ILE B 51 -9.26 3.70 -2.27
N ILE B 52 -8.41 4.28 -3.10
CA ILE B 52 -7.10 3.75 -3.40
C ILE B 52 -6.09 4.58 -2.64
N LYS B 53 -5.38 3.95 -1.70
CA LYS B 53 -4.38 4.67 -0.92
C LYS B 53 -3.15 4.93 -1.78
N LYS B 54 -2.79 6.20 -1.92
CA LYS B 54 -1.63 6.58 -2.71
C LYS B 54 -0.42 6.70 -1.81
N SER B 55 0.76 6.71 -2.43
CA SER B 55 1.99 6.80 -1.67
C SER B 55 2.08 8.11 -0.92
N LYS B 56 2.68 8.08 0.28
CA LYS B 56 2.81 9.29 1.09
C LYS B 56 3.65 10.35 0.37
N CYS B 57 4.40 9.95 -0.64
CA CYS B 57 5.05 10.90 -1.52
C CYS B 57 4.09 11.27 -2.65
N ARG B 58 4.08 12.54 -3.02
CA ARG B 58 3.25 13.00 -4.13
C ARG B 58 4.09 13.07 -5.40
N GLY B 59 4.67 11.92 -5.73
CA GLY B 59 5.56 11.80 -6.86
C GLY B 59 4.89 11.55 -8.18
N LYS B 60 3.58 11.27 -8.19
CA LYS B 60 2.84 11.03 -9.42
C LYS B 60 1.45 11.67 -9.32
N GLU B 61 1.44 13.00 -9.19
CA GLU B 61 0.19 13.74 -9.17
C GLU B 61 -0.46 13.85 -10.54
N HIS B 62 0.27 13.52 -11.60
CA HIS B 62 -0.18 13.61 -12.97
C HIS B 62 -0.40 12.25 -13.64
N MET B 63 -0.21 11.15 -12.89
CA MET B 63 -0.39 9.82 -13.45
C MET B 63 -1.86 9.47 -13.61
N ILE B 64 -2.20 8.88 -14.75
CA ILE B 64 -3.51 8.31 -15.00
C ILE B 64 -3.48 6.87 -14.50
N GLN B 65 -4.33 6.56 -13.54
CA GLN B 65 -4.35 5.22 -12.97
C GLN B 65 -4.69 4.19 -14.04
N ASN B 66 -3.96 3.07 -14.02
CA ASN B 66 -4.09 2.07 -15.07
C ASN B 66 -5.50 1.52 -15.16
N GLU B 67 -6.07 1.11 -14.03
CA GLU B 67 -7.44 0.58 -14.05
C GLU B 67 -8.43 1.63 -14.50
N VAL B 68 -8.15 2.92 -14.28
CA VAL B 68 -9.08 3.94 -14.74
C VAL B 68 -8.98 4.12 -16.24
N SER B 69 -7.77 4.18 -16.79
CA SER B 69 -7.63 4.32 -18.24
C SER B 69 -8.28 3.15 -18.96
N ILE B 70 -8.17 1.95 -18.41
CA ILE B 70 -8.82 0.78 -19.01
C ILE B 70 -10.34 0.90 -18.92
N LEU B 71 -10.84 1.24 -17.73
CA LEU B 71 -12.27 1.19 -17.48
C LEU B 71 -13.05 2.24 -18.26
N ARG B 72 -12.43 3.38 -18.58
CA ARG B 72 -13.14 4.40 -19.33
C ARG B 72 -13.49 3.98 -20.75
N ARG B 73 -12.92 2.89 -21.26
CA ARG B 73 -13.24 2.44 -22.61
C ARG B 73 -14.08 1.16 -22.65
N VAL B 74 -14.28 0.49 -21.52
CA VAL B 74 -14.96 -0.81 -21.47
C VAL B 74 -16.34 -0.63 -20.87
N LYS B 75 -17.35 -1.19 -21.55
CA LYS B 75 -18.75 -1.11 -21.10
C LYS B 75 -19.43 -2.43 -21.46
N HIS B 76 -19.62 -3.29 -20.46
CA HIS B 76 -20.19 -4.61 -20.73
C HIS B 76 -21.03 -5.05 -19.54
N PRO B 77 -22.12 -5.79 -19.79
CA PRO B 77 -22.98 -6.24 -18.68
C PRO B 77 -22.29 -7.19 -17.71
N ASN B 78 -21.15 -7.76 -18.07
CA ASN B 78 -20.45 -8.72 -17.21
C ASN B 78 -19.15 -8.17 -16.67
N ILE B 79 -18.98 -6.85 -16.66
CA ILE B 79 -17.81 -6.19 -16.09
C ILE B 79 -18.29 -5.12 -15.13
N VAL B 80 -17.69 -5.09 -13.93
CA VAL B 80 -18.01 -4.04 -12.97
C VAL B 80 -17.70 -2.69 -13.59
N LEU B 81 -18.66 -1.78 -13.53
CA LEU B 81 -18.64 -0.55 -14.30
C LEU B 81 -18.11 0.61 -13.47
N LEU B 82 -17.27 1.43 -14.08
CA LEU B 82 -16.78 2.66 -13.47
C LEU B 82 -17.76 3.78 -13.75
N ILE B 83 -18.33 4.36 -12.70
CA ILE B 83 -19.33 5.41 -12.89
C ILE B 83 -18.66 6.76 -13.09
N GLU B 84 -17.82 7.16 -12.14
CA GLU B 84 -17.03 8.39 -12.27
C GLU B 84 -15.89 8.33 -11.27
N GLU B 85 -14.90 9.19 -11.49
CA GLU B 85 -13.68 9.20 -10.69
C GLU B 85 -13.44 10.59 -10.14
N MET B 86 -13.01 10.66 -8.88
CA MET B 86 -12.59 11.89 -8.24
C MET B 86 -11.21 11.67 -7.66
N ASP B 87 -10.25 12.48 -8.09
CA ASP B 87 -8.86 12.32 -7.68
C ASP B 87 -8.45 13.46 -6.74
N VAL B 88 -7.72 13.11 -5.69
CA VAL B 88 -7.19 14.06 -4.71
C VAL B 88 -5.75 13.66 -4.43
N PRO B 89 -4.94 14.60 -3.92
CA PRO B 89 -3.50 14.31 -3.79
C PRO B 89 -3.16 13.01 -3.07
N THR B 90 -3.78 12.74 -1.92
CA THR B 90 -3.40 11.58 -1.12
C THR B 90 -4.16 10.30 -1.48
N GLU B 91 -5.32 10.39 -2.14
CA GLU B 91 -6.10 9.20 -2.45
C GLU B 91 -6.85 9.40 -3.77
N LEU B 92 -7.28 8.28 -4.35
CA LEU B 92 -8.10 8.31 -5.55
C LEU B 92 -9.44 7.65 -5.24
N TYR B 93 -10.52 8.36 -5.53
CA TYR B 93 -11.87 7.87 -5.29
C TYR B 93 -12.50 7.46 -6.61
N LEU B 94 -12.96 6.22 -6.68
CA LEU B 94 -13.63 5.67 -7.84
C LEU B 94 -15.04 5.27 -7.45
N VAL B 95 -16.03 5.81 -8.16
CA VAL B 95 -17.42 5.42 -7.96
C VAL B 95 -17.74 4.36 -8.99
N MET B 96 -18.01 3.15 -8.53
CA MET B 96 -18.23 2.00 -9.39
C MET B 96 -19.57 1.37 -9.08
N GLU B 97 -19.98 0.45 -9.96
CA GLU B 97 -21.25 -0.24 -9.72
C GLU B 97 -21.11 -1.23 -8.58
N LEU B 98 -22.19 -1.43 -7.84
CA LEU B 98 -22.20 -2.29 -6.67
C LEU B 98 -22.86 -3.62 -7.01
N VAL B 99 -22.12 -4.71 -6.78
CA VAL B 99 -22.64 -6.06 -6.92
C VAL B 99 -22.85 -6.60 -5.52
N LYS B 100 -24.10 -6.94 -5.19
CA LYS B 100 -24.47 -7.19 -3.80
C LYS B 100 -24.32 -8.65 -3.36
N GLY B 101 -23.88 -9.55 -4.24
CA GLY B 101 -23.78 -10.95 -3.85
C GLY B 101 -22.49 -11.32 -3.14
N GLY B 102 -21.46 -10.49 -3.25
CA GLY B 102 -20.13 -10.84 -2.79
C GLY B 102 -19.34 -11.55 -3.86
N ASP B 103 -18.06 -11.79 -3.58
CA ASP B 103 -17.22 -12.37 -4.61
C ASP B 103 -17.32 -13.89 -4.60
N LEU B 104 -16.65 -14.52 -5.57
CA LEU B 104 -16.74 -15.97 -5.74
C LEU B 104 -15.89 -16.71 -4.71
N PHE B 105 -14.72 -16.17 -4.39
CA PHE B 105 -13.80 -16.81 -3.44
C PHE B 105 -14.47 -16.99 -2.08
N ASP B 106 -14.98 -15.89 -1.50
CA ASP B 106 -15.64 -16.00 -0.21
C ASP B 106 -16.83 -16.96 -0.27
N ALA B 107 -17.62 -16.87 -1.34
CA ALA B 107 -18.77 -17.76 -1.50
C ALA B 107 -18.34 -19.07 -2.19
N LYS B 113 -17.52 -27.20 -4.71
CA LYS B 113 -18.26 -28.06 -5.64
C LYS B 113 -19.58 -27.42 -6.07
N TYR B 114 -19.60 -26.92 -7.31
CA TYR B 114 -20.76 -26.29 -7.92
C TYR B 114 -21.35 -27.21 -8.99
N THR B 115 -22.67 -27.16 -9.17
CA THR B 115 -23.30 -28.05 -10.12
C THR B 115 -22.87 -27.69 -11.54
N GLU B 116 -23.01 -28.66 -12.46
CA GLU B 116 -22.68 -28.39 -13.85
C GLU B 116 -23.60 -27.34 -14.48
N ARG B 117 -24.84 -27.24 -13.99
CA ARG B 117 -25.73 -26.22 -14.52
C ARG B 117 -25.26 -24.82 -14.11
N ASP B 118 -24.83 -24.67 -12.86
CA ASP B 118 -24.41 -23.35 -12.38
C ASP B 118 -23.08 -22.93 -13.01
N ALA B 119 -22.09 -23.82 -13.00
CA ALA B 119 -20.76 -23.47 -13.51
C ALA B 119 -20.80 -23.14 -14.99
N SER B 120 -21.65 -23.81 -15.77
CA SER B 120 -21.70 -23.54 -17.20
C SER B 120 -22.24 -22.14 -17.46
N GLY B 121 -23.19 -21.68 -16.65
CA GLY B 121 -23.63 -20.30 -16.76
C GLY B 121 -22.55 -19.32 -16.33
N MET B 122 -21.75 -19.71 -15.34
CA MET B 122 -20.66 -18.85 -14.87
C MET B 122 -19.57 -18.72 -15.92
N LEU B 123 -19.19 -19.84 -16.55
CA LEU B 123 -18.20 -19.76 -17.63
C LEU B 123 -18.74 -18.95 -18.81
N TYR B 124 -20.03 -19.05 -19.09
CA TYR B 124 -20.63 -18.23 -20.13
C TYR B 124 -20.47 -16.73 -19.81
N ASN B 125 -20.83 -16.35 -18.60
CA ASN B 125 -20.68 -14.95 -18.19
C ASN B 125 -19.21 -14.52 -18.19
N LEU B 126 -18.33 -15.35 -17.61
CA LEU B 126 -16.92 -14.98 -17.54
C LEU B 126 -16.33 -14.82 -18.93
N ALA B 127 -16.65 -15.74 -19.84
CA ALA B 127 -16.12 -15.66 -21.19
C ALA B 127 -16.79 -14.56 -22.00
N SER B 128 -18.01 -14.15 -21.62
CA SER B 128 -18.65 -13.05 -22.33
C SER B 128 -17.88 -11.74 -22.12
N ALA B 129 -17.40 -11.51 -20.90
CA ALA B 129 -16.55 -10.35 -20.63
C ALA B 129 -15.23 -10.46 -21.36
N ILE B 130 -14.56 -11.61 -21.22
CA ILE B 130 -13.24 -11.81 -21.83
C ILE B 130 -13.29 -11.61 -23.34
N LYS B 131 -14.36 -12.12 -23.98
CA LYS B 131 -14.50 -11.92 -25.42
C LYS B 131 -14.61 -10.43 -25.74
N TYR B 132 -15.37 -9.69 -24.92
CA TYR B 132 -15.48 -8.26 -25.14
C TYR B 132 -14.15 -7.57 -24.94
N LEU B 133 -13.47 -7.87 -23.82
CA LEU B 133 -12.16 -7.27 -23.56
C LEU B 133 -11.19 -7.56 -24.70
N HIS B 134 -11.14 -8.81 -25.14
CA HIS B 134 -10.16 -9.18 -26.16
C HIS B 134 -10.44 -8.48 -27.49
N SER B 135 -11.69 -8.10 -27.77
CA SER B 135 -11.96 -7.32 -28.97
C SER B 135 -11.34 -5.93 -28.90
N LEU B 136 -11.07 -5.44 -27.69
CA LEU B 136 -10.39 -4.17 -27.48
C LEU B 136 -8.90 -4.36 -27.20
N ASN B 137 -8.38 -5.57 -27.43
CA ASN B 137 -6.97 -5.90 -27.21
C ASN B 137 -6.54 -5.70 -25.77
N ILE B 138 -7.47 -5.91 -24.83
CA ILE B 138 -7.20 -5.77 -23.41
C ILE B 138 -7.04 -7.17 -22.82
N VAL B 139 -6.00 -7.35 -21.99
CA VAL B 139 -5.81 -8.59 -21.25
C VAL B 139 -5.90 -8.26 -19.77
N HIS B 140 -6.75 -8.99 -19.05
CA HIS B 140 -7.01 -8.67 -17.65
C HIS B 140 -5.79 -8.96 -16.78
N ARG B 141 -5.16 -10.12 -16.97
CA ARG B 141 -3.94 -10.54 -16.29
C ARG B 141 -4.13 -10.79 -14.80
N ASP B 142 -5.35 -10.67 -14.29
CA ASP B 142 -5.64 -11.03 -12.90
C ASP B 142 -7.07 -11.55 -12.82
N ILE B 143 -7.35 -12.65 -13.52
CA ILE B 143 -8.63 -13.33 -13.45
C ILE B 143 -8.53 -14.47 -12.44
N LYS B 144 -9.30 -14.37 -11.38
CA LYS B 144 -9.31 -15.34 -10.29
C LYS B 144 -10.61 -15.17 -9.51
N PRO B 145 -10.94 -16.11 -8.64
CA PRO B 145 -12.23 -16.01 -7.93
C PRO B 145 -12.37 -14.74 -7.12
N GLU B 146 -11.29 -14.20 -6.57
CA GLU B 146 -11.39 -12.98 -5.78
C GLU B 146 -11.88 -11.80 -6.62
N ASN B 147 -11.64 -11.84 -7.93
CA ASN B 147 -12.01 -10.74 -8.82
C ASN B 147 -13.30 -11.01 -9.57
N LEU B 148 -14.03 -12.05 -9.20
CA LEU B 148 -15.29 -12.39 -9.83
C LEU B 148 -16.40 -12.23 -8.80
N LEU B 149 -17.39 -11.40 -9.12
CA LEU B 149 -18.48 -11.11 -8.21
C LEU B 149 -19.74 -11.81 -8.70
N VAL B 150 -20.63 -12.13 -7.75
CA VAL B 150 -21.77 -13.00 -7.99
C VAL B 150 -23.02 -12.14 -7.94
N TYR B 151 -23.79 -12.17 -9.04
CA TYR B 151 -25.08 -11.52 -9.12
C TYR B 151 -26.19 -12.50 -8.74
N GLU B 152 -27.19 -12.00 -8.04
CA GLU B 152 -28.36 -12.79 -7.65
C GLU B 152 -29.52 -12.34 -8.54
N HIS B 153 -29.73 -13.07 -9.63
CA HIS B 153 -30.74 -12.70 -10.62
C HIS B 153 -32.16 -12.77 -10.05
N LYS B 158 -27.70 -17.10 -11.40
CA LYS B 158 -26.68 -16.14 -10.99
C LYS B 158 -25.78 -15.75 -12.16
N SER B 159 -25.19 -14.57 -12.09
CA SER B 159 -24.31 -14.06 -13.13
C SER B 159 -23.02 -13.51 -12.52
N LEU B 160 -21.92 -13.68 -13.25
CA LEU B 160 -20.61 -13.22 -12.80
C LEU B 160 -20.31 -11.85 -13.39
N LYS B 161 -19.51 -11.07 -12.64
CA LYS B 161 -19.06 -9.77 -13.12
C LYS B 161 -17.58 -9.64 -12.80
N LEU B 162 -16.78 -9.33 -13.82
CA LEU B 162 -15.34 -9.27 -13.68
C LEU B 162 -14.89 -7.92 -13.14
N GLY B 163 -13.88 -7.93 -12.26
CA GLY B 163 -13.38 -6.70 -11.67
C GLY B 163 -11.88 -6.60 -11.46
N ASP B 164 -11.46 -5.53 -10.79
CA ASP B 164 -10.05 -5.24 -10.48
C ASP B 164 -9.19 -5.21 -11.74
N PHE B 165 -9.17 -4.07 -12.43
CA PHE B 165 -8.39 -3.93 -13.66
C PHE B 165 -7.03 -3.30 -13.40
N GLY B 166 -6.48 -3.50 -12.20
CA GLY B 166 -5.18 -2.94 -11.87
C GLY B 166 -4.05 -3.48 -12.71
N LEU B 167 -4.12 -4.77 -13.10
CA LEU B 167 -3.07 -5.40 -13.88
C LEU B 167 -3.41 -5.45 -15.36
N ALA B 168 -4.59 -4.98 -15.76
CA ALA B 168 -4.97 -5.01 -17.17
C ALA B 168 -4.05 -4.13 -18.00
N THR B 169 -3.88 -4.49 -19.27
CA THR B 169 -3.02 -3.73 -20.17
C THR B 169 -3.41 -4.05 -21.60
N ILE B 170 -2.98 -3.18 -22.51
CA ILE B 170 -3.30 -3.32 -23.93
C ILE B 170 -2.23 -4.14 -24.62
N VAL B 171 -2.66 -5.12 -25.41
CA VAL B 171 -1.76 -6.06 -26.08
C VAL B 171 -1.61 -5.64 -27.54
N ASP B 172 -0.46 -5.09 -27.89
CA ASP B 172 -0.10 -4.94 -29.30
C ASP B 172 1.02 -5.89 -29.72
N GLY B 173 1.62 -6.62 -28.77
CA GLY B 173 2.68 -7.55 -29.05
C GLY B 173 2.94 -8.42 -27.84
N PRO B 174 3.94 -9.30 -27.94
CA PRO B 174 4.24 -10.20 -26.82
C PRO B 174 4.62 -9.43 -25.56
N LEU B 175 4.06 -9.86 -24.43
CA LEU B 175 4.34 -9.30 -23.12
C LEU B 175 5.24 -10.26 -22.35
N TYR B 176 6.20 -9.71 -21.62
CA TYR B 176 7.17 -10.53 -20.91
C TYR B 176 7.14 -10.33 -19.40
N THR B 177 6.25 -9.48 -18.89
CA THR B 177 6.19 -9.21 -17.45
C THR B 177 5.44 -10.34 -16.75
N VAL B 178 6.05 -10.87 -15.69
CA VAL B 178 5.44 -11.94 -14.90
C VAL B 178 4.58 -11.32 -13.81
N CYS B 179 3.27 -11.57 -13.86
CA CYS B 179 2.35 -11.00 -12.88
C CYS B 179 1.16 -11.92 -12.73
N GLY B 180 0.47 -11.75 -11.61
CA GLY B 180 -0.70 -12.56 -11.30
C GLY B 180 -0.41 -13.59 -10.23
N THR B 181 -1.50 -14.14 -9.69
CA THR B 181 -1.40 -15.17 -8.66
C THR B 181 -0.90 -16.48 -9.27
N PRO B 182 0.06 -17.16 -8.63
CA PRO B 182 0.69 -18.32 -9.27
C PRO B 182 -0.25 -19.47 -9.56
N THR B 183 -1.36 -19.60 -8.83
CA THR B 183 -2.30 -20.68 -9.10
C THR B 183 -2.90 -20.56 -10.49
N TYR B 184 -3.22 -19.33 -10.92
CA TYR B 184 -3.95 -19.10 -12.16
C TYR B 184 -3.07 -18.61 -13.30
N VAL B 185 -1.75 -18.55 -13.09
CA VAL B 185 -0.84 -18.00 -14.09
C VAL B 185 -0.54 -19.03 -15.17
N ALA B 186 -0.51 -18.57 -16.41
CA ALA B 186 -0.35 -19.43 -17.58
C ALA B 186 1.10 -19.91 -17.73
N PRO B 187 1.33 -20.97 -18.52
CA PRO B 187 2.71 -21.45 -18.68
C PRO B 187 3.61 -20.51 -19.46
N GLU B 188 3.06 -19.81 -20.45
CA GLU B 188 3.90 -18.93 -21.27
C GLU B 188 4.31 -17.67 -20.52
N ILE B 189 3.61 -17.35 -19.43
CA ILE B 189 4.07 -16.29 -18.55
C ILE B 189 5.33 -16.73 -17.81
N ILE B 190 5.31 -17.95 -17.27
CA ILE B 190 6.47 -18.49 -16.57
C ILE B 190 7.64 -18.64 -17.52
N ALA B 191 7.37 -19.09 -18.75
CA ALA B 191 8.45 -19.33 -19.70
C ALA B 191 9.10 -18.02 -20.16
N GLU B 192 8.37 -16.91 -20.05
CA GLU B 192 8.89 -15.58 -20.40
C GLU B 192 9.28 -15.52 -21.88
N THR B 193 8.55 -16.26 -22.70
CA THR B 193 8.74 -16.22 -24.15
C THR B 193 7.83 -15.21 -24.82
N GLY B 194 6.87 -14.64 -24.08
CA GLY B 194 5.94 -13.69 -24.62
C GLY B 194 4.52 -14.21 -24.51
N TYR B 195 3.58 -13.37 -24.08
CA TYR B 195 2.20 -13.80 -23.93
C TYR B 195 1.27 -12.68 -24.37
N GLY B 196 -0.02 -13.01 -24.41
CA GLY B 196 -1.02 -12.10 -24.92
C GLY B 196 -2.40 -12.39 -24.38
N LEU B 197 -3.41 -12.21 -25.24
CA LEU B 197 -4.80 -12.25 -24.78
C LEU B 197 -5.18 -13.59 -24.20
N LYS B 198 -4.49 -14.67 -24.58
CA LYS B 198 -4.94 -16.01 -24.25
C LYS B 198 -4.45 -16.48 -22.88
N VAL B 199 -3.86 -15.62 -22.06
CA VAL B 199 -3.56 -16.02 -20.69
C VAL B 199 -4.80 -15.94 -19.83
N ASP B 200 -5.83 -15.23 -20.30
CA ASP B 200 -7.09 -15.16 -19.58
C ASP B 200 -7.92 -16.42 -19.79
N ILE B 201 -7.79 -17.06 -20.95
CA ILE B 201 -8.47 -18.32 -21.18
C ILE B 201 -7.91 -19.39 -20.26
N TRP B 202 -6.60 -19.39 -20.05
CA TRP B 202 -5.99 -20.35 -19.14
C TRP B 202 -6.52 -20.15 -17.72
N ALA B 203 -6.53 -18.89 -17.25
CA ALA B 203 -7.02 -18.62 -15.89
C ALA B 203 -8.48 -19.02 -15.74
N ALA B 204 -9.31 -18.74 -16.76
CA ALA B 204 -10.70 -19.16 -16.70
C ALA B 204 -10.81 -20.68 -16.69
N GLY B 205 -9.92 -21.37 -17.42
CA GLY B 205 -9.91 -22.82 -17.37
C GLY B 205 -9.63 -23.34 -15.97
N VAL B 206 -8.62 -22.77 -15.31
CA VAL B 206 -8.35 -23.12 -13.92
C VAL B 206 -9.57 -22.86 -13.06
N ILE B 207 -10.25 -21.74 -13.31
CA ILE B 207 -11.44 -21.40 -12.52
C ILE B 207 -12.54 -22.40 -12.76
N THR B 208 -12.81 -22.74 -14.03
CA THR B 208 -13.85 -23.71 -14.32
C THR B 208 -13.53 -25.06 -13.71
N TYR B 209 -12.26 -25.48 -13.77
CA TYR B 209 -11.86 -26.73 -13.13
C TYR B 209 -12.16 -26.70 -11.65
N ILE B 210 -11.84 -25.59 -10.98
CA ILE B 210 -12.09 -25.48 -9.54
C ILE B 210 -13.59 -25.53 -9.26
N LEU B 211 -14.38 -24.84 -10.08
CA LEU B 211 -15.82 -24.78 -9.84
C LEU B 211 -16.43 -26.17 -9.81
N LEU B 212 -15.91 -27.09 -10.62
CA LEU B 212 -16.50 -28.42 -10.73
C LEU B 212 -16.06 -29.36 -9.61
N CYS B 213 -14.85 -29.23 -9.08
CA CYS B 213 -14.36 -30.18 -8.09
C CYS B 213 -13.89 -29.54 -6.80
N GLY B 214 -13.61 -28.24 -6.77
CA GLY B 214 -13.22 -27.56 -5.55
C GLY B 214 -11.74 -27.48 -5.27
N PHE B 215 -10.89 -27.94 -6.17
CA PHE B 215 -9.44 -27.84 -6.00
C PHE B 215 -8.83 -27.49 -7.34
N PRO B 216 -7.61 -26.94 -7.34
CA PRO B 216 -7.00 -26.47 -8.59
C PRO B 216 -6.40 -27.63 -9.37
N PRO B 217 -6.27 -27.51 -10.69
CA PRO B 217 -5.63 -28.57 -11.47
C PRO B 217 -4.19 -28.78 -11.06
N PHE B 218 -3.51 -27.72 -10.68
CA PHE B 218 -2.12 -27.76 -10.23
C PHE B 218 -2.09 -27.22 -8.81
N ARG B 219 -1.66 -28.07 -7.86
CA ARG B 219 -1.77 -27.74 -6.46
C ARG B 219 -0.46 -27.34 -5.82
N GLY B 220 0.68 -27.78 -6.35
CA GLY B 220 1.97 -27.40 -5.81
C GLY B 220 2.28 -28.00 -4.46
N GLU B 226 7.87 -22.11 -6.16
CA GLU B 226 8.61 -22.42 -7.37
C GLU B 226 8.24 -23.80 -7.90
N VAL B 227 7.93 -24.72 -6.97
CA VAL B 227 7.48 -26.05 -7.35
C VAL B 227 6.17 -25.96 -8.12
N LEU B 228 5.30 -25.03 -7.72
CA LEU B 228 4.04 -24.83 -8.43
C LEU B 228 4.27 -24.37 -9.86
N PHE B 229 5.30 -23.54 -10.08
CA PHE B 229 5.58 -23.06 -11.43
C PHE B 229 6.00 -24.20 -12.36
N ASP B 230 6.78 -25.15 -11.85
CA ASP B 230 7.23 -26.26 -12.68
C ASP B 230 6.09 -27.20 -13.08
N GLN B 231 5.08 -27.36 -12.22
CA GLN B 231 3.93 -28.17 -12.59
C GLN B 231 3.20 -27.59 -13.78
N ILE B 232 2.94 -26.27 -13.75
CA ILE B 232 2.21 -25.61 -14.83
C ILE B 232 2.96 -25.78 -16.15
N LEU B 233 4.29 -25.68 -16.12
CA LEU B 233 5.07 -25.79 -17.33
C LEU B 233 4.89 -27.17 -17.98
N MET B 234 4.61 -28.19 -17.18
CA MET B 234 4.34 -29.51 -17.74
C MET B 234 2.95 -29.55 -18.38
N GLY B 235 1.98 -28.86 -17.79
CA GLY B 235 0.63 -28.80 -18.34
C GLY B 235 -0.11 -30.13 -18.32
N GLN B 236 0.01 -30.88 -17.22
CA GLN B 236 -0.64 -32.18 -17.09
C GLN B 236 -2.01 -31.98 -16.45
N VAL B 237 -3.05 -31.92 -17.27
CA VAL B 237 -4.41 -31.78 -16.79
C VAL B 237 -4.95 -33.17 -16.49
N ASP B 238 -5.25 -33.42 -15.22
CA ASP B 238 -5.76 -34.70 -14.78
C ASP B 238 -7.05 -34.47 -14.03
N PHE B 239 -7.98 -35.42 -14.17
CA PHE B 239 -9.27 -35.38 -13.50
C PHE B 239 -9.35 -36.61 -12.61
N PRO B 240 -8.89 -36.51 -11.37
CA PRO B 240 -8.74 -37.70 -10.52
C PRO B 240 -10.08 -38.17 -9.97
N SER B 241 -10.05 -39.35 -9.38
CA SER B 241 -11.16 -40.03 -8.73
C SER B 241 -11.06 -39.88 -7.22
N PRO B 242 -12.19 -39.82 -6.50
CA PRO B 242 -13.58 -39.98 -6.98
C PRO B 242 -14.26 -38.70 -7.44
N TYR B 243 -13.55 -37.57 -7.35
CA TYR B 243 -14.20 -36.27 -7.53
C TYR B 243 -14.71 -36.09 -8.96
N TRP B 244 -13.94 -36.51 -9.95
CA TRP B 244 -14.26 -36.26 -11.35
C TRP B 244 -14.98 -37.44 -12.01
N ASP B 245 -15.53 -38.35 -11.21
CA ASP B 245 -16.21 -39.51 -11.79
C ASP B 245 -17.56 -39.13 -12.38
N ASN B 246 -18.29 -38.26 -11.70
CA ASN B 246 -19.66 -37.90 -12.09
C ASN B 246 -19.73 -36.59 -12.87
N VAL B 247 -18.62 -36.14 -13.44
CA VAL B 247 -18.60 -34.93 -14.26
C VAL B 247 -18.60 -35.32 -15.73
N SER B 248 -19.33 -34.57 -16.53
CA SER B 248 -19.55 -34.92 -17.94
C SER B 248 -18.24 -34.88 -18.72
N ASP B 249 -18.18 -35.69 -19.77
CA ASP B 249 -17.05 -35.66 -20.70
C ASP B 249 -16.98 -34.35 -21.49
N SER B 250 -18.11 -33.66 -21.65
CA SER B 250 -18.10 -32.36 -22.33
C SER B 250 -17.32 -31.33 -21.52
N ALA B 251 -17.57 -31.28 -20.21
CA ALA B 251 -16.81 -30.38 -19.35
C ALA B 251 -15.33 -30.73 -19.35
N LYS B 252 -15.01 -32.03 -19.32
CA LYS B 252 -13.62 -32.44 -19.38
C LYS B 252 -12.97 -32.02 -20.68
N GLU B 253 -13.68 -32.20 -21.80
CA GLU B 253 -13.10 -31.85 -23.10
C GLU B 253 -12.83 -30.35 -23.20
N LEU B 254 -13.77 -29.53 -22.74
CA LEU B 254 -13.59 -28.08 -22.79
C LEU B 254 -12.41 -27.64 -21.92
N ILE B 255 -12.38 -28.10 -20.67
CA ILE B 255 -11.32 -27.68 -19.75
C ILE B 255 -9.95 -28.02 -20.30
N THR B 256 -9.81 -29.19 -20.93
CA THR B 256 -8.51 -29.57 -21.48
C THR B 256 -8.10 -28.64 -22.61
N MET B 257 -9.07 -28.15 -23.39
CA MET B 257 -8.76 -27.20 -24.46
C MET B 257 -8.43 -25.82 -23.91
N MET B 258 -9.04 -25.46 -22.77
CA MET B 258 -8.70 -24.19 -22.12
C MET B 258 -7.32 -24.23 -21.49
N LEU B 259 -6.90 -25.37 -20.98
CA LEU B 259 -5.59 -25.51 -20.34
C LEU B 259 -4.61 -26.22 -21.27
N LEU B 260 -4.39 -25.64 -22.45
CA LEU B 260 -3.40 -26.16 -23.39
C LEU B 260 -2.14 -25.32 -23.35
N VAL B 261 -0.99 -26.00 -23.33
CA VAL B 261 0.27 -25.26 -23.32
C VAL B 261 0.53 -24.64 -24.68
N ASP B 262 0.09 -25.30 -25.75
CA ASP B 262 0.19 -24.73 -27.09
C ASP B 262 -0.81 -23.59 -27.22
N VAL B 263 -0.32 -22.36 -27.28
CA VAL B 263 -1.20 -21.19 -27.30
C VAL B 263 -2.02 -21.15 -28.59
N ASP B 264 -1.42 -21.55 -29.70
CA ASP B 264 -2.15 -21.55 -30.97
C ASP B 264 -3.30 -22.55 -30.95
N GLN B 265 -3.07 -23.72 -30.34
CA GLN B 265 -4.13 -24.71 -30.24
C GLN B 265 -5.20 -24.30 -29.22
N ARG B 266 -4.77 -23.65 -28.13
CA ARG B 266 -5.66 -23.34 -27.01
C ARG B 266 -6.86 -22.53 -27.48
N PHE B 267 -7.99 -22.71 -26.79
CA PHE B 267 -9.23 -22.07 -27.19
C PHE B 267 -9.16 -20.56 -26.98
N SER B 268 -9.85 -19.84 -27.84
CA SER B 268 -10.05 -18.40 -27.68
C SER B 268 -11.33 -18.14 -26.89
N ALA B 269 -11.56 -16.88 -26.53
CA ALA B 269 -12.79 -16.53 -25.83
C ALA B 269 -14.01 -16.83 -26.69
N VAL B 270 -13.91 -16.58 -27.99
CA VAL B 270 -15.00 -16.93 -28.89
C VAL B 270 -15.15 -18.44 -28.98
N GLN B 271 -14.03 -19.16 -29.10
CA GLN B 271 -14.08 -20.61 -29.17
C GLN B 271 -14.66 -21.22 -27.90
N VAL B 272 -14.47 -20.57 -26.76
CA VAL B 272 -15.06 -21.06 -25.51
C VAL B 272 -16.57 -20.90 -25.55
N LEU B 273 -17.06 -19.75 -26.02
CA LEU B 273 -18.50 -19.50 -26.05
C LEU B 273 -19.21 -20.40 -27.06
N GLU B 274 -18.50 -20.84 -28.08
CA GLU B 274 -19.06 -21.73 -29.10
C GLU B 274 -19.13 -23.18 -28.65
N HIS B 275 -18.55 -23.51 -27.49
CA HIS B 275 -18.54 -24.88 -27.02
C HIS B 275 -19.94 -25.28 -26.55
N PRO B 276 -20.37 -26.52 -26.78
CA PRO B 276 -21.73 -26.91 -26.42
C PRO B 276 -22.01 -26.92 -24.93
N TRP B 277 -20.99 -27.07 -24.10
CA TRP B 277 -21.18 -27.24 -22.66
C TRP B 277 -21.66 -25.96 -21.97
N VAL B 278 -21.47 -24.80 -22.59
CA VAL B 278 -21.88 -23.55 -21.96
C VAL B 278 -23.34 -23.26 -22.25
#